data_7DPN
#
_entry.id   7DPN
#
_cell.length_a   114.784
_cell.length_b   55.778
_cell.length_c   68.098
_cell.angle_alpha   90.000
_cell.angle_beta   94.245
_cell.angle_gamma   90.000
#
_symmetry.space_group_name_H-M   'C 1 2 1'
#
loop_
_entity.id
_entity.type
_entity.pdbx_description
1 polymer 'Bromodomain-containing protein 2'
2 non-polymer 5-(1-naphthoyl)-11-methyl-8-((methylsulfonyl)methyl)-4,5-dihydro-2,3a1,5-triazadibenzo[cd,h]azulen-1(2H)-one
3 water water
#
_entity_poly.entity_id   1
_entity_poly.type   'polypeptide(L)'
_entity_poly.pdbx_seq_one_letter_code
;GRVTNQLQYLHKVVMKALWKHQFAWPFRQPVDAVKLGLPDYHKIIKQPMDMGTIKRRLENNYYWAASECMQDFNTMFTNC
YIYNKPTDDIVLMAQTLEKIFLQKVASMPQEEQELVVTIPKN
;
_entity_poly.pdbx_strand_id   A,B,C
#
# COMPACT_ATOMS: atom_id res chain seq x y z
N ARG A 2 17.13 -3.64 7.95
CA ARG A 2 17.12 -2.18 8.06
C ARG A 2 15.77 -1.61 8.49
N VAL A 3 15.78 -0.34 8.89
CA VAL A 3 14.59 0.43 9.21
C VAL A 3 14.59 1.65 8.31
N THR A 4 13.55 1.78 7.46
CA THR A 4 13.44 2.92 6.55
C THR A 4 12.06 3.54 6.65
N ASN A 5 11.95 4.77 6.13
CA ASN A 5 10.66 5.43 6.03
C ASN A 5 9.65 4.56 5.28
N GLN A 6 10.07 3.97 4.16
CA GLN A 6 9.15 3.18 3.36
C GLN A 6 8.72 1.91 4.10
N LEU A 7 9.67 1.24 4.75
CA LEU A 7 9.32 0.03 5.48
C LEU A 7 8.44 0.34 6.69
N GLN A 8 8.67 1.50 7.33
CA GLN A 8 7.76 1.91 8.39
C GLN A 8 6.34 2.08 7.86
N TYR A 9 6.20 2.71 6.70
CA TYR A 9 4.89 2.84 6.07
C TYR A 9 4.27 1.48 5.77
N LEU A 10 5.02 0.60 5.13
CA LEU A 10 4.47 -0.71 4.82
C LEU A 10 3.99 -1.42 6.07
N HIS A 11 4.73 -1.28 7.18
CA HIS A 11 4.33 -1.94 8.41
C HIS A 11 3.14 -1.23 9.08
N LYS A 12 3.25 0.08 9.29
CA LYS A 12 2.26 0.79 10.09
C LYS A 12 0.99 1.10 9.31
N VAL A 13 1.04 1.17 7.98
CA VAL A 13 -0.12 1.50 7.16
C VAL A 13 -0.61 0.28 6.38
N VAL A 14 0.27 -0.33 5.58
CA VAL A 14 -0.19 -1.38 4.67
C VAL A 14 -0.50 -2.65 5.43
N MET A 15 0.46 -3.16 6.21
CA MET A 15 0.19 -4.39 6.95
C MET A 15 -0.91 -4.18 7.99
N LYS A 16 -0.91 -3.03 8.66
CA LYS A 16 -1.96 -2.77 9.64
C LYS A 16 -3.33 -2.91 8.99
N ALA A 17 -3.51 -2.32 7.80
CA ALA A 17 -4.79 -2.40 7.11
C ALA A 17 -5.10 -3.82 6.68
N LEU A 18 -4.13 -4.52 6.08
CA LEU A 18 -4.44 -5.84 5.55
C LEU A 18 -4.61 -6.87 6.65
N TRP A 19 -3.83 -6.78 7.72
CA TRP A 19 -3.80 -7.87 8.70
C TRP A 19 -5.13 -8.02 9.41
N LYS A 20 -5.83 -6.92 9.65
CA LYS A 20 -7.09 -6.94 10.40
C LYS A 20 -8.31 -7.01 9.49
N HIS A 21 -8.11 -7.08 8.18
CA HIS A 21 -9.23 -7.15 7.24
C HIS A 21 -10.02 -8.43 7.42
N GLN A 22 -11.33 -8.35 7.15
CA GLN A 22 -12.20 -9.51 7.35
C GLN A 22 -11.89 -10.65 6.38
N PHE A 23 -11.21 -10.38 5.27
CA PHE A 23 -10.79 -11.42 4.32
C PHE A 23 -9.35 -11.89 4.55
N ALA A 24 -8.66 -11.39 5.57
CA ALA A 24 -7.25 -11.70 5.75
C ALA A 24 -6.99 -13.12 6.25
N TRP A 25 -7.96 -13.74 6.91
CA TRP A 25 -7.65 -14.96 7.67
C TRP A 25 -7.08 -16.10 6.84
N PRO A 26 -7.47 -16.34 5.58
CA PRO A 26 -6.80 -17.41 4.82
C PRO A 26 -5.33 -17.13 4.59
N PHE A 27 -4.88 -15.89 4.80
CA PHE A 27 -3.55 -15.46 4.40
C PHE A 27 -2.64 -15.18 5.58
N ARG A 28 -3.11 -15.37 6.82
CA ARG A 28 -2.30 -14.96 7.97
C ARG A 28 -1.26 -16.00 8.37
N GLN A 29 -1.24 -17.16 7.72
CA GLN A 29 -0.27 -18.21 8.04
C GLN A 29 0.08 -18.95 6.75
N PRO A 30 1.21 -19.65 6.72
CA PRO A 30 1.53 -20.44 5.53
C PRO A 30 0.44 -21.45 5.23
N VAL A 31 0.24 -21.68 3.93
CA VAL A 31 -0.67 -22.74 3.52
C VAL A 31 -0.16 -24.07 4.06
N ASP A 32 -1.02 -24.80 4.76
CA ASP A 32 -0.69 -26.15 5.24
C ASP A 32 -1.40 -27.12 4.30
N ALA A 33 -0.64 -27.70 3.36
CA ALA A 33 -1.24 -28.51 2.31
C ALA A 33 -1.90 -29.77 2.87
N VAL A 34 -1.38 -30.32 3.97
CA VAL A 34 -2.01 -31.49 4.59
C VAL A 34 -3.35 -31.11 5.21
N LYS A 35 -3.31 -30.13 6.12
CA LYS A 35 -4.53 -29.62 6.75
C LYS A 35 -5.58 -29.23 5.72
N LEU A 36 -5.18 -28.58 4.64
CA LEU A 36 -6.16 -28.05 3.69
C LEU A 36 -6.52 -29.02 2.58
N GLY A 37 -5.88 -30.19 2.52
CA GLY A 37 -6.17 -31.17 1.49
C GLY A 37 -5.80 -30.70 0.10
N LEU A 38 -4.59 -30.16 -0.04
CA LEU A 38 -4.07 -29.60 -1.28
C LEU A 38 -2.79 -30.36 -1.66
N PRO A 39 -2.91 -31.62 -2.08
CA PRO A 39 -1.71 -32.46 -2.25
C PRO A 39 -0.78 -31.99 -3.37
N ASP A 40 -1.25 -31.20 -4.33
CA ASP A 40 -0.38 -30.68 -5.39
C ASP A 40 0.03 -29.24 -5.16
N TYR A 41 -0.29 -28.66 -4.00
CA TYR A 41 -0.02 -27.24 -3.79
C TYR A 41 1.45 -26.91 -4.02
N HIS A 42 2.34 -27.67 -3.41
CA HIS A 42 3.76 -27.34 -3.48
C HIS A 42 4.41 -27.79 -4.78
N LYS A 43 3.73 -28.59 -5.58
CA LYS A 43 4.22 -28.84 -6.92
C LYS A 43 3.96 -27.64 -7.83
N ILE A 44 2.89 -26.90 -7.55
CA ILE A 44 2.49 -25.77 -8.40
C ILE A 44 3.08 -24.46 -7.88
N ILE A 45 3.06 -24.26 -6.58
CA ILE A 45 3.52 -23.03 -5.96
C ILE A 45 4.92 -23.27 -5.40
N LYS A 46 5.93 -22.67 -6.01
CA LYS A 46 7.31 -22.94 -5.62
C LYS A 46 7.86 -21.97 -4.60
N GLN A 47 7.19 -20.83 -4.40
CA GLN A 47 7.58 -19.82 -3.43
C GLN A 47 6.35 -19.43 -2.62
N PRO A 48 5.96 -20.25 -1.65
CA PRO A 48 4.84 -19.87 -0.77
C PRO A 48 5.15 -18.60 0.00
N MET A 49 4.10 -17.83 0.28
CA MET A 49 4.23 -16.61 1.06
C MET A 49 2.90 -16.29 1.70
N ASP A 50 2.95 -15.65 2.86
CA ASP A 50 1.74 -15.39 3.64
C ASP A 50 1.98 -14.14 4.46
N MET A 51 0.91 -13.55 4.99
N MET A 51 0.88 -13.56 4.97
CA MET A 51 1.10 -12.29 5.70
CA MET A 51 0.99 -12.32 5.74
C MET A 51 1.72 -12.46 7.07
C MET A 51 1.82 -12.52 6.99
N GLY A 52 1.63 -13.65 7.68
CA GLY A 52 2.32 -13.86 8.94
C GLY A 52 3.82 -13.77 8.76
N THR A 53 4.33 -14.42 7.71
CA THR A 53 5.74 -14.34 7.37
C THR A 53 6.17 -12.91 7.08
N ILE A 54 5.37 -12.18 6.29
CA ILE A 54 5.73 -10.80 5.97
C ILE A 54 5.77 -9.97 7.23
N LYS A 55 4.75 -10.11 8.09
CA LYS A 55 4.67 -9.35 9.32
C LYS A 55 5.89 -9.62 10.20
N ARG A 56 6.27 -10.88 10.33
CA ARG A 56 7.45 -11.23 11.11
C ARG A 56 8.71 -10.59 10.52
N ARG A 57 8.86 -10.65 9.20
CA ARG A 57 10.01 -10.02 8.56
C ARG A 57 10.04 -8.52 8.81
N LEU A 58 8.89 -7.85 8.74
CA LEU A 58 8.83 -6.43 9.09
C LEU A 58 9.20 -6.22 10.55
N GLU A 59 8.63 -7.04 11.46
CA GLU A 59 8.95 -6.91 12.87
C GLU A 59 10.44 -7.08 13.12
N ASN A 60 11.07 -8.04 12.45
CA ASN A 60 12.46 -8.39 12.70
C ASN A 60 13.45 -7.63 11.82
N ASN A 61 13.01 -6.59 11.13
CA ASN A 61 13.88 -5.79 10.27
C ASN A 61 14.63 -6.69 9.27
N TYR A 62 13.93 -7.71 8.78
CA TYR A 62 14.52 -8.62 7.81
C TYR A 62 14.77 -7.94 6.47
N TYR A 63 13.87 -7.06 6.05
CA TYR A 63 13.97 -6.47 4.73
C TYR A 63 15.01 -5.37 4.69
N TRP A 64 15.65 -5.23 3.53
CA TRP A 64 16.57 -4.12 3.27
C TRP A 64 15.93 -2.98 2.50
N ALA A 65 14.95 -3.27 1.65
CA ALA A 65 14.28 -2.27 0.84
C ALA A 65 12.78 -2.54 0.84
N ALA A 66 11.99 -1.49 0.67
CA ALA A 66 10.54 -1.64 0.67
C ALA A 66 10.06 -2.51 -0.48
N SER A 67 10.73 -2.41 -1.63
CA SER A 67 10.34 -3.22 -2.78
C SER A 67 10.41 -4.72 -2.47
N GLU A 68 11.33 -5.14 -1.58
CA GLU A 68 11.42 -6.55 -1.22
C GLU A 68 10.17 -7.02 -0.50
N CYS A 69 9.66 -6.19 0.42
CA CYS A 69 8.39 -6.46 1.09
C CYS A 69 7.24 -6.44 0.09
N MET A 70 7.23 -5.45 -0.80
CA MET A 70 6.20 -5.38 -1.82
C MET A 70 6.19 -6.65 -2.69
N GLN A 71 7.38 -7.18 -3.02
CA GLN A 71 7.40 -8.40 -3.83
C GLN A 71 6.84 -9.59 -3.06
N ASP A 72 7.06 -9.65 -1.74
CA ASP A 72 6.46 -10.72 -0.95
C ASP A 72 4.95 -10.64 -0.96
N PHE A 73 4.40 -9.43 -0.74
CA PHE A 73 2.95 -9.27 -0.88
C PHE A 73 2.49 -9.73 -2.25
N ASN A 74 3.21 -9.31 -3.30
CA ASN A 74 2.82 -9.69 -4.64
C ASN A 74 2.86 -11.20 -4.83
N THR A 75 3.92 -11.85 -4.35
CA THR A 75 4.01 -13.30 -4.48
C THR A 75 2.85 -13.99 -3.81
N MET A 76 2.44 -13.47 -2.65
CA MET A 76 1.36 -14.12 -1.92
C MET A 76 0.08 -14.08 -2.74
N PHE A 77 -0.25 -12.90 -3.28
CA PHE A 77 -1.45 -12.78 -4.10
C PHE A 77 -1.34 -13.63 -5.37
N THR A 78 -0.21 -13.56 -6.05
CA THR A 78 -0.05 -14.26 -7.31
C THR A 78 -0.15 -15.77 -7.12
N ASN A 79 0.40 -16.27 -6.01
CA ASN A 79 0.25 -17.69 -5.73
C ASN A 79 -1.22 -18.06 -5.71
N CYS A 80 -2.05 -17.20 -5.12
CA CYS A 80 -3.46 -17.51 -5.00
C CYS A 80 -4.14 -17.55 -6.37
N TYR A 81 -3.81 -16.59 -7.23
CA TYR A 81 -4.42 -16.59 -8.56
C TYR A 81 -3.94 -17.77 -9.39
N ILE A 82 -2.69 -18.16 -9.22
CA ILE A 82 -2.15 -19.23 -10.06
C ILE A 82 -2.73 -20.58 -9.65
N TYR A 83 -2.84 -20.82 -8.35
CA TYR A 83 -3.19 -22.15 -7.88
C TYR A 83 -4.67 -22.44 -7.99
N ASN A 84 -5.51 -21.47 -7.63
CA ASN A 84 -6.93 -21.73 -7.41
C ASN A 84 -7.74 -21.60 -8.70
N LYS A 85 -8.95 -22.18 -8.67
CA LYS A 85 -9.87 -22.04 -9.80
C LYS A 85 -10.37 -20.60 -9.87
N PRO A 86 -10.59 -20.09 -11.08
CA PRO A 86 -11.10 -18.71 -11.22
C PRO A 86 -12.32 -18.43 -10.37
N THR A 87 -13.17 -19.43 -10.15
CA THR A 87 -14.44 -19.21 -9.45
C THR A 87 -14.34 -19.38 -7.94
N ASP A 88 -13.17 -19.75 -7.41
CA ASP A 88 -13.04 -19.92 -5.97
C ASP A 88 -13.16 -18.59 -5.24
N ASP A 89 -13.88 -18.59 -4.12
CA ASP A 89 -14.04 -17.34 -3.38
C ASP A 89 -12.70 -16.77 -2.91
N ILE A 90 -11.71 -17.63 -2.67
CA ILE A 90 -10.43 -17.14 -2.16
C ILE A 90 -9.80 -16.18 -3.15
N VAL A 91 -10.07 -16.37 -4.44
CA VAL A 91 -9.56 -15.44 -5.46
C VAL A 91 -10.16 -14.06 -5.26
N LEU A 92 -11.47 -14.01 -5.01
N LEU A 92 -11.48 -14.01 -5.02
CA LEU A 92 -12.15 -12.74 -4.73
CA LEU A 92 -12.13 -12.72 -4.73
C LEU A 92 -11.58 -12.09 -3.47
C LEU A 92 -11.55 -12.09 -3.47
N MET A 93 -11.29 -12.90 -2.44
CA MET A 93 -10.71 -12.36 -1.21
C MET A 93 -9.33 -11.77 -1.47
N ALA A 94 -8.49 -12.47 -2.24
CA ALA A 94 -7.18 -11.95 -2.58
C ALA A 94 -7.26 -10.66 -3.37
N GLN A 95 -8.15 -10.62 -4.37
N GLN A 95 -8.16 -10.61 -4.36
CA GLN A 95 -8.31 -9.41 -5.16
CA GLN A 95 -8.27 -9.39 -5.16
C GLN A 95 -8.64 -8.24 -4.26
C GLN A 95 -8.69 -8.21 -4.32
N THR A 96 -9.58 -8.43 -3.34
CA THR A 96 -9.99 -7.38 -2.42
C THR A 96 -8.82 -6.85 -1.62
N LEU A 97 -8.01 -7.76 -1.07
CA LEU A 97 -6.87 -7.35 -0.27
C LEU A 97 -5.84 -6.64 -1.12
N GLU A 98 -5.60 -7.17 -2.32
CA GLU A 98 -4.56 -6.62 -3.19
C GLU A 98 -4.92 -5.21 -3.64
N LYS A 99 -6.21 -4.94 -3.87
CA LYS A 99 -6.60 -3.58 -4.23
C LYS A 99 -6.28 -2.60 -3.11
N ILE A 100 -6.52 -3.00 -1.86
CA ILE A 100 -6.13 -2.18 -0.72
C ILE A 100 -4.61 -2.00 -0.67
N PHE A 101 -3.87 -3.11 -0.84
CA PHE A 101 -2.42 -3.02 -0.94
C PHE A 101 -2.00 -1.97 -1.94
N LEU A 102 -2.56 -2.02 -3.15
CA LEU A 102 -2.12 -1.08 -4.18
C LEU A 102 -2.58 0.35 -3.87
N GLN A 103 -3.81 0.49 -3.37
CA GLN A 103 -4.25 1.82 -2.96
C GLN A 103 -3.30 2.42 -1.94
N LYS A 104 -2.86 1.63 -0.95
CA LYS A 104 -1.99 2.17 0.08
C LYS A 104 -0.59 2.42 -0.45
N VAL A 105 -0.11 1.55 -1.33
CA VAL A 105 1.22 1.74 -1.85
C VAL A 105 1.30 3.01 -2.68
N ALA A 106 0.19 3.43 -3.27
CA ALA A 106 0.19 4.66 -4.08
C ALA A 106 0.56 5.90 -3.28
N SER A 107 0.49 5.86 -1.94
CA SER A 107 0.83 6.99 -1.08
C SER A 107 2.08 6.74 -0.26
N MET A 108 2.83 5.68 -0.57
CA MET A 108 4.02 5.38 0.21
C MET A 108 5.10 6.43 -0.02
N PRO A 109 5.91 6.72 1.00
CA PRO A 109 7.02 7.64 0.81
C PRO A 109 7.87 7.28 -0.40
N GLN A 110 8.31 8.31 -1.12
CA GLN A 110 8.79 8.12 -2.48
C GLN A 110 10.25 7.69 -2.52
N GLU A 111 11.12 8.40 -1.81
CA GLU A 111 12.55 8.14 -1.85
C GLU A 111 12.95 7.45 -0.54
N GLU A 112 13.31 6.17 -0.65
CA GLU A 112 13.65 5.41 0.54
C GLU A 112 14.99 5.85 1.10
N GLN A 113 15.02 6.10 2.41
CA GLN A 113 16.25 6.45 3.12
C GLN A 113 16.19 5.82 4.50
N GLU A 114 17.33 5.31 4.97
CA GLU A 114 17.36 4.54 6.21
C GLU A 114 17.19 5.43 7.43
N LEU A 115 16.53 4.89 8.44
CA LEU A 115 16.31 5.58 9.72
C LEU A 115 17.29 5.08 10.78
N THR B 4 -1.52 14.52 -13.34
CA THR B 4 -0.86 14.70 -12.06
C THR B 4 0.60 14.30 -12.15
N ASN B 5 1.38 14.73 -11.14
CA ASN B 5 2.76 14.28 -11.03
C ASN B 5 2.83 12.76 -11.07
N GLN B 6 1.94 12.08 -10.35
CA GLN B 6 1.99 10.62 -10.27
C GLN B 6 1.57 9.98 -11.60
N LEU B 7 0.52 10.51 -12.22
CA LEU B 7 0.09 9.93 -13.49
C LEU B 7 1.13 10.14 -14.58
N GLN B 8 1.84 11.28 -14.55
N GLN B 8 1.84 11.28 -14.56
CA GLN B 8 2.92 11.48 -15.51
CA GLN B 8 2.92 11.47 -15.53
C GLN B 8 4.05 10.49 -15.28
C GLN B 8 4.08 10.51 -15.28
N TYR B 9 4.35 10.19 -14.01
CA TYR B 9 5.35 9.19 -13.70
C TYR B 9 4.92 7.81 -14.21
N LEU B 10 3.67 7.42 -13.93
CA LEU B 10 3.18 6.14 -14.43
C LEU B 10 3.25 6.08 -15.95
N HIS B 11 3.08 7.22 -16.62
CA HIS B 11 3.08 7.21 -18.07
C HIS B 11 4.50 7.22 -18.64
N LYS B 12 5.32 8.19 -18.22
CA LYS B 12 6.62 8.41 -18.85
C LYS B 12 7.74 7.57 -18.22
N VAL B 13 7.56 7.07 -17.00
CA VAL B 13 8.57 6.26 -16.33
C VAL B 13 8.18 4.78 -16.31
N VAL B 14 7.02 4.46 -15.72
CA VAL B 14 6.67 3.06 -15.50
C VAL B 14 6.22 2.39 -16.80
N MET B 15 5.24 2.98 -17.47
CA MET B 15 4.75 2.36 -18.70
C MET B 15 5.85 2.35 -19.77
N LYS B 16 6.60 3.44 -19.88
N LYS B 16 6.59 3.45 -19.89
CA LYS B 16 7.65 3.48 -20.90
CA LYS B 16 7.66 3.51 -20.87
C LYS B 16 8.60 2.30 -20.75
C LYS B 16 8.58 2.30 -20.74
N ALA B 17 8.97 1.99 -19.50
CA ALA B 17 9.85 0.86 -19.23
C ALA B 17 9.20 -0.48 -19.54
N LEU B 18 7.94 -0.67 -19.14
CA LEU B 18 7.28 -1.95 -19.40
C LEU B 18 7.01 -2.13 -20.89
N TRP B 19 6.65 -1.05 -21.59
CA TRP B 19 6.23 -1.18 -22.97
C TRP B 19 7.30 -1.81 -23.85
N LYS B 20 8.56 -1.40 -23.69
CA LYS B 20 9.65 -1.86 -24.54
C LYS B 20 10.30 -3.15 -24.04
N HIS B 21 9.85 -3.68 -22.91
CA HIS B 21 10.42 -4.92 -22.38
C HIS B 21 10.24 -6.07 -23.38
N GLN B 22 11.19 -7.01 -23.40
CA GLN B 22 11.13 -8.12 -24.34
C GLN B 22 9.95 -9.06 -24.10
N PHE B 23 9.33 -8.99 -22.92
CA PHE B 23 8.16 -9.80 -22.63
C PHE B 23 6.84 -9.04 -22.78
N ALA B 24 6.88 -7.78 -23.24
CA ALA B 24 5.68 -6.95 -23.25
C ALA B 24 4.74 -7.25 -24.41
N TRP B 25 5.22 -7.86 -25.48
CA TRP B 25 4.44 -7.89 -26.70
C TRP B 25 3.06 -8.55 -26.57
N PRO B 26 2.84 -9.59 -25.76
CA PRO B 26 1.47 -10.11 -25.62
C PRO B 26 0.52 -9.15 -24.93
N PHE B 27 1.04 -8.13 -24.26
CA PHE B 27 0.24 -7.27 -23.40
C PHE B 27 0.01 -5.87 -23.96
N ARG B 28 0.50 -5.59 -25.18
CA ARG B 28 0.41 -4.24 -25.72
C ARG B 28 -0.93 -3.93 -26.36
N GLN B 29 -1.82 -4.91 -26.49
CA GLN B 29 -3.13 -4.72 -27.10
C GLN B 29 -4.09 -5.68 -26.42
N PRO B 30 -5.40 -5.43 -26.51
CA PRO B 30 -6.36 -6.35 -25.91
C PRO B 30 -6.17 -7.77 -26.43
N VAL B 31 -6.53 -8.73 -25.58
CA VAL B 31 -6.60 -10.12 -26.02
C VAL B 31 -7.70 -10.24 -27.07
N ASP B 32 -7.32 -10.73 -28.27
CA ASP B 32 -8.29 -11.05 -29.33
C ASP B 32 -8.55 -12.55 -29.24
N ALA B 33 -9.63 -12.90 -28.54
CA ALA B 33 -9.91 -14.29 -28.22
C ALA B 33 -10.25 -15.11 -29.47
N VAL B 34 -10.86 -14.49 -30.47
CA VAL B 34 -11.15 -15.18 -31.71
C VAL B 34 -9.86 -15.49 -32.46
N LYS B 35 -9.05 -14.45 -32.72
CA LYS B 35 -7.77 -14.66 -33.38
C LYS B 35 -6.92 -15.68 -32.65
N LEU B 36 -6.89 -15.63 -31.32
CA LEU B 36 -6.02 -16.49 -30.54
C LEU B 36 -6.64 -17.83 -30.20
N GLY B 37 -7.89 -18.06 -30.59
CA GLY B 37 -8.55 -19.32 -30.31
C GLY B 37 -8.76 -19.64 -28.85
N LEU B 38 -9.36 -18.71 -28.11
CA LEU B 38 -9.64 -18.88 -26.68
C LEU B 38 -11.13 -18.62 -26.45
N PRO B 39 -12.00 -19.57 -26.78
CA PRO B 39 -13.44 -19.28 -26.74
C PRO B 39 -13.99 -19.13 -25.33
N ASP B 40 -13.24 -19.54 -24.31
CA ASP B 40 -13.66 -19.37 -22.92
C ASP B 40 -13.09 -18.11 -22.28
N TYR B 41 -12.25 -17.36 -22.99
CA TYR B 41 -11.50 -16.27 -22.37
C TYR B 41 -12.44 -15.27 -21.70
N HIS B 42 -13.43 -14.78 -22.44
CA HIS B 42 -14.32 -13.77 -21.87
C HIS B 42 -15.38 -14.35 -20.95
N LYS B 43 -15.54 -15.66 -20.92
CA LYS B 43 -16.38 -16.26 -19.89
C LYS B 43 -15.69 -16.29 -18.54
N ILE B 44 -14.36 -16.27 -18.53
CA ILE B 44 -13.57 -16.38 -17.31
C ILE B 44 -13.04 -15.02 -16.87
N ILE B 45 -12.66 -14.18 -17.83
CA ILE B 45 -12.07 -12.88 -17.60
C ILE B 45 -13.15 -11.85 -17.92
N LYS B 46 -13.77 -11.28 -16.88
CA LYS B 46 -14.85 -10.32 -17.08
C LYS B 46 -14.38 -8.88 -17.18
N GLN B 47 -13.14 -8.59 -16.82
N GLN B 47 -13.17 -8.54 -16.73
CA GLN B 47 -12.57 -7.24 -16.91
CA GLN B 47 -12.60 -7.22 -16.94
C GLN B 47 -11.27 -7.27 -17.70
C GLN B 47 -11.28 -7.36 -17.70
N PRO B 48 -11.34 -7.45 -19.02
CA PRO B 48 -10.10 -7.45 -19.81
C PRO B 48 -9.35 -6.13 -19.64
N MET B 49 -8.02 -6.21 -19.66
CA MET B 49 -7.19 -5.03 -19.56
C MET B 49 -5.83 -5.33 -20.21
N ASP B 50 -5.20 -4.28 -20.76
CA ASP B 50 -3.95 -4.40 -21.47
C ASP B 50 -3.22 -3.06 -21.44
N MET B 51 -1.92 -3.08 -21.79
N MET B 51 -1.92 -3.11 -21.76
CA MET B 51 -1.13 -1.86 -21.68
CA MET B 51 -1.08 -1.92 -21.72
C MET B 51 -1.45 -0.85 -22.77
C MET B 51 -1.54 -0.87 -22.73
N GLY B 52 -1.92 -1.31 -23.94
CA GLY B 52 -2.39 -0.37 -24.94
C GLY B 52 -3.56 0.47 -24.43
N THR B 53 -4.55 -0.20 -23.83
CA THR B 53 -5.69 0.51 -23.24
C THR B 53 -5.25 1.46 -22.13
N ILE B 54 -4.36 1.01 -21.24
CA ILE B 54 -3.89 1.87 -20.17
C ILE B 54 -3.14 3.06 -20.73
N LYS B 55 -2.29 2.82 -21.72
CA LYS B 55 -1.51 3.90 -22.33
C LYS B 55 -2.43 4.97 -22.91
N ARG B 56 -3.44 4.54 -23.67
CA ARG B 56 -4.39 5.51 -24.22
C ARG B 56 -5.12 6.27 -23.12
N ARG B 57 -5.51 5.58 -22.05
CA ARG B 57 -6.17 6.25 -20.93
C ARG B 57 -5.24 7.29 -20.31
N LEU B 58 -3.95 6.98 -20.18
CA LEU B 58 -2.99 7.97 -19.72
C LEU B 58 -2.93 9.15 -20.70
N GLU B 59 -3.01 8.88 -22.00
CA GLU B 59 -2.89 9.96 -22.98
C GLU B 59 -4.13 10.86 -22.99
N ASN B 60 -5.31 10.34 -22.67
CA ASN B 60 -6.54 11.11 -22.78
C ASN B 60 -7.02 11.66 -21.44
N ASN B 61 -6.16 11.68 -20.42
CA ASN B 61 -6.54 12.22 -19.11
C ASN B 61 -7.72 11.46 -18.50
N TYR B 62 -7.81 10.16 -18.80
CA TYR B 62 -8.95 9.39 -18.32
C TYR B 62 -8.91 9.20 -16.81
N TYR B 63 -7.72 9.02 -16.25
CA TYR B 63 -7.62 8.77 -14.83
C TYR B 63 -7.74 10.06 -14.03
N TRP B 64 -8.25 9.91 -12.80
CA TRP B 64 -8.24 11.01 -11.84
C TRP B 64 -7.12 10.89 -10.83
N ALA B 65 -6.69 9.65 -10.52
CA ALA B 65 -5.66 9.39 -9.52
C ALA B 65 -4.80 8.25 -10.00
N ALA B 66 -3.53 8.27 -9.55
CA ALA B 66 -2.58 7.24 -9.96
C ALA B 66 -3.03 5.85 -9.53
N SER B 67 -3.69 5.74 -8.38
N SER B 67 -3.69 5.74 -8.38
CA SER B 67 -4.14 4.43 -7.91
CA SER B 67 -4.14 4.43 -7.91
C SER B 67 -5.09 3.78 -8.91
C SER B 67 -5.09 3.78 -8.90
N GLU B 68 -5.90 4.56 -9.61
CA GLU B 68 -6.81 3.99 -10.59
C GLU B 68 -6.03 3.34 -11.73
N CYS B 69 -4.95 3.98 -12.15
CA CYS B 69 -4.11 3.41 -13.20
C CYS B 69 -3.35 2.19 -12.68
N MET B 70 -2.83 2.26 -11.46
CA MET B 70 -2.19 1.10 -10.87
C MET B 70 -3.14 -0.08 -10.79
N GLN B 71 -4.42 0.17 -10.50
N GLN B 71 -4.42 0.17 -10.51
CA GLN B 71 -5.37 -0.93 -10.42
CA GLN B 71 -5.37 -0.94 -10.43
C GLN B 71 -5.56 -1.57 -11.79
C GLN B 71 -5.59 -1.57 -11.80
N ASP B 72 -5.53 -0.77 -12.87
CA ASP B 72 -5.65 -1.32 -14.21
C ASP B 72 -4.46 -2.21 -14.55
N PHE B 73 -3.23 -1.75 -14.26
CA PHE B 73 -2.09 -2.65 -14.37
C PHE B 73 -2.36 -3.94 -13.61
N ASN B 74 -2.82 -3.80 -12.36
CA ASN B 74 -3.01 -4.98 -11.54
C ASN B 74 -3.99 -5.94 -12.19
N THR B 75 -5.11 -5.41 -12.71
CA THR B 75 -6.10 -6.27 -13.34
C THR B 75 -5.51 -7.03 -14.51
N MET B 76 -4.67 -6.37 -15.30
CA MET B 76 -4.09 -7.02 -16.48
C MET B 76 -3.27 -8.23 -16.06
N PHE B 77 -2.40 -8.05 -15.07
CA PHE B 77 -1.57 -9.16 -14.60
C PHE B 77 -2.43 -10.25 -13.97
N THR B 78 -3.36 -9.87 -13.11
CA THR B 78 -4.22 -10.86 -12.46
C THR B 78 -5.00 -11.70 -13.47
N ASN B 79 -5.57 -11.05 -14.50
CA ASN B 79 -6.28 -11.80 -15.53
C ASN B 79 -5.40 -12.92 -16.08
N CYS B 80 -4.14 -12.59 -16.31
CA CYS B 80 -3.17 -13.56 -16.85
C CYS B 80 -3.02 -14.74 -15.89
N TYR B 81 -2.89 -14.47 -14.59
CA TYR B 81 -2.67 -15.59 -13.66
C TYR B 81 -3.94 -16.39 -13.49
N ILE B 82 -5.10 -15.74 -13.60
CA ILE B 82 -6.37 -16.44 -13.41
C ILE B 82 -6.69 -17.33 -14.60
N TYR B 83 -6.50 -16.82 -15.82
CA TYR B 83 -6.97 -17.55 -16.99
C TYR B 83 -6.04 -18.70 -17.40
N ASN B 84 -4.72 -18.53 -17.30
CA ASN B 84 -3.79 -19.47 -17.90
C ASN B 84 -3.38 -20.59 -16.94
N LYS B 85 -2.85 -21.68 -17.52
CA LYS B 85 -2.30 -22.76 -16.72
C LYS B 85 -1.03 -22.28 -16.01
N PRO B 86 -0.75 -22.81 -14.80
CA PRO B 86 0.45 -22.38 -14.08
C PRO B 86 1.74 -22.52 -14.87
N THR B 87 1.80 -23.51 -15.75
CA THR B 87 3.00 -23.84 -16.51
C THR B 87 3.15 -23.03 -17.79
N ASP B 88 2.19 -22.18 -18.14
CA ASP B 88 2.30 -21.42 -19.39
C ASP B 88 3.37 -20.34 -19.29
N ASP B 89 4.16 -20.19 -20.35
CA ASP B 89 5.18 -19.16 -20.35
C ASP B 89 4.61 -17.77 -20.08
N ILE B 90 3.37 -17.52 -20.51
CA ILE B 90 2.83 -16.16 -20.38
C ILE B 90 2.73 -15.76 -18.92
N VAL B 91 2.51 -16.73 -18.02
CA VAL B 91 2.54 -16.46 -16.59
C VAL B 91 3.91 -15.94 -16.14
N LEU B 92 4.98 -16.57 -16.62
N LEU B 92 4.99 -16.58 -16.61
CA LEU B 92 6.32 -16.09 -16.27
CA LEU B 92 6.34 -16.10 -16.28
C LEU B 92 6.60 -14.71 -16.83
C LEU B 92 6.60 -14.71 -16.83
N MET B 93 6.04 -14.41 -18.01
CA MET B 93 6.23 -13.11 -18.62
C MET B 93 5.52 -12.03 -17.82
N ALA B 94 4.28 -12.32 -17.43
CA ALA B 94 3.53 -11.39 -16.59
C ALA B 94 4.22 -11.15 -15.25
N GLN B 95 4.65 -12.23 -14.57
CA GLN B 95 5.38 -12.07 -13.32
C GLN B 95 6.57 -11.12 -13.48
N THR B 96 7.38 -11.34 -14.53
CA THR B 96 8.57 -10.53 -14.72
C THR B 96 8.21 -9.06 -14.88
N LEU B 97 7.17 -8.78 -15.68
CA LEU B 97 6.73 -7.40 -15.87
C LEU B 97 6.19 -6.83 -14.59
N GLU B 98 5.39 -7.61 -13.86
CA GLU B 98 4.76 -7.08 -12.66
C GLU B 98 5.82 -6.72 -11.61
N LYS B 99 6.91 -7.48 -11.55
CA LYS B 99 7.98 -7.14 -10.62
C LYS B 99 8.59 -5.79 -10.97
N ILE B 100 8.74 -5.50 -12.27
CA ILE B 100 9.23 -4.18 -12.68
C ILE B 100 8.26 -3.10 -12.29
N PHE B 101 6.97 -3.32 -12.60
CA PHE B 101 5.91 -2.40 -12.21
C PHE B 101 6.01 -2.04 -10.73
N LEU B 102 6.14 -3.05 -9.84
CA LEU B 102 6.18 -2.75 -8.40
C LEU B 102 7.46 -2.02 -8.01
N GLN B 103 8.58 -2.39 -8.63
N GLN B 103 8.58 -2.39 -8.62
CA GLN B 103 9.86 -1.72 -8.39
CA GLN B 103 9.84 -1.70 -8.38
C GLN B 103 9.76 -0.23 -8.73
C GLN B 103 9.73 -0.23 -8.72
N LYS B 104 9.18 0.09 -9.89
CA LYS B 104 9.10 1.48 -10.33
C LYS B 104 8.06 2.24 -9.53
N VAL B 105 6.96 1.58 -9.16
CA VAL B 105 5.93 2.19 -8.31
C VAL B 105 6.50 2.59 -6.96
N ALA B 106 7.43 1.80 -6.41
CA ALA B 106 8.00 2.13 -5.11
C ALA B 106 8.63 3.52 -5.10
N SER B 107 9.14 3.97 -6.25
CA SER B 107 9.83 5.24 -6.37
C SER B 107 8.95 6.34 -6.95
N MET B 108 7.64 6.10 -7.06
CA MET B 108 6.73 7.11 -7.56
C MET B 108 6.73 8.33 -6.63
N PRO B 109 6.81 9.54 -7.16
CA PRO B 109 6.78 10.74 -6.31
C PRO B 109 5.45 10.88 -5.58
N GLN B 110 5.45 11.78 -4.61
CA GLN B 110 4.30 12.01 -3.74
C GLN B 110 3.47 13.25 -4.11
N THR C 4 -17.43 22.27 26.05
CA THR C 4 -17.40 20.99 25.34
C THR C 4 -17.80 21.17 23.88
N ASN C 5 -18.55 22.24 23.59
CA ASN C 5 -18.74 22.62 22.19
C ASN C 5 -17.41 22.81 21.49
N GLN C 6 -16.44 23.43 22.18
CA GLN C 6 -15.08 23.54 21.62
C GLN C 6 -14.43 22.17 21.51
N LEU C 7 -14.51 21.36 22.58
CA LEU C 7 -13.95 20.01 22.52
C LEU C 7 -14.69 19.15 21.50
N GLN C 8 -16.00 19.33 21.38
CA GLN C 8 -16.76 18.68 20.31
C GLN C 8 -16.19 19.04 18.95
N TYR C 9 -15.99 20.34 18.71
CA TYR C 9 -15.38 20.78 17.46
C TYR C 9 -14.00 20.16 17.28
N LEU C 10 -13.17 20.21 18.32
CA LEU C 10 -11.83 19.62 18.21
C LEU C 10 -11.90 18.13 17.88
N HIS C 11 -12.92 17.42 18.33
CA HIS C 11 -13.00 15.99 18.07
C HIS C 11 -13.58 15.72 16.69
N LYS C 12 -14.72 16.31 16.38
CA LYS C 12 -15.51 15.94 15.21
C LYS C 12 -15.11 16.70 13.95
N VAL C 13 -14.34 17.78 14.08
CA VAL C 13 -13.85 18.54 12.93
C VAL C 13 -12.34 18.45 12.81
N VAL C 14 -11.62 18.80 13.86
CA VAL C 14 -10.16 18.89 13.77
C VAL C 14 -9.55 17.48 13.73
N MET C 15 -9.83 16.67 14.74
CA MET C 15 -9.25 15.33 14.76
C MET C 15 -9.73 14.50 13.58
N LYS C 16 -10.98 14.68 13.15
CA LYS C 16 -11.46 13.88 12.02
C LYS C 16 -10.68 14.21 10.76
N ALA C 17 -10.37 15.49 10.53
CA ALA C 17 -9.57 15.84 9.37
C ALA C 17 -8.14 15.34 9.52
N LEU C 18 -7.52 15.58 10.67
CA LEU C 18 -6.10 15.23 10.82
C LEU C 18 -5.90 13.72 10.84
N TRP C 19 -6.78 12.99 11.51
CA TRP C 19 -6.58 11.55 11.69
C TRP C 19 -6.50 10.83 10.35
N LYS C 20 -7.37 11.19 9.41
CA LYS C 20 -7.39 10.48 8.13
C LYS C 20 -6.47 11.09 7.07
N HIS C 21 -5.79 12.20 7.36
CA HIS C 21 -4.88 12.78 6.39
C HIS C 21 -3.78 11.78 6.01
N GLN C 22 -3.33 11.85 4.76
CA GLN C 22 -2.32 10.89 4.33
C GLN C 22 -0.99 11.06 5.06
N PHE C 23 -0.75 12.21 5.70
CA PHE C 23 0.51 12.42 6.43
C PHE C 23 0.41 12.02 7.90
N ALA C 24 -0.74 11.53 8.35
CA ALA C 24 -0.95 11.28 9.78
C ALA C 24 -0.24 10.04 10.28
N TRP C 25 0.17 9.13 9.39
CA TRP C 25 0.53 7.79 9.86
C TRP C 25 1.70 7.79 10.85
N PRO C 26 2.73 8.64 10.73
CA PRO C 26 3.79 8.63 11.75
C PRO C 26 3.33 9.14 13.10
N PHE C 27 2.17 9.76 13.18
CA PHE C 27 1.71 10.39 14.41
C PHE C 27 0.52 9.70 15.03
N ARG C 28 0.03 8.58 14.46
CA ARG C 28 -1.18 7.96 14.98
C ARG C 28 -0.95 7.11 16.23
N GLN C 29 0.30 6.82 16.57
CA GLN C 29 0.63 6.01 17.72
C GLN C 29 1.90 6.56 18.33
N PRO C 30 2.17 6.26 19.61
CA PRO C 30 3.37 6.80 20.25
C PRO C 30 4.63 6.38 19.53
N VAL C 31 5.64 7.26 19.59
CA VAL C 31 6.95 6.92 19.08
C VAL C 31 7.48 5.75 19.89
N ASP C 32 7.88 4.68 19.21
CA ASP C 32 8.48 3.52 19.87
C ASP C 32 9.98 3.61 19.61
N ALA C 33 10.70 4.24 20.54
CA ALA C 33 12.12 4.48 20.36
C ALA C 33 12.91 3.18 20.23
N VAL C 34 12.48 2.13 20.90
CA VAL C 34 13.12 0.83 20.74
C VAL C 34 12.94 0.34 19.31
N LYS C 35 11.69 0.09 18.90
CA LYS C 35 11.45 -0.54 17.61
C LYS C 35 11.96 0.31 16.44
N LEU C 36 11.98 1.63 16.60
CA LEU C 36 12.48 2.51 15.54
C LEU C 36 13.97 2.79 15.67
N GLY C 37 14.65 2.15 16.62
CA GLY C 37 16.07 2.37 16.83
C GLY C 37 16.43 3.84 16.98
N LEU C 38 16.00 4.45 18.08
CA LEU C 38 16.32 5.85 18.39
C LEU C 38 16.68 5.94 19.86
N PRO C 39 17.88 5.48 20.23
CA PRO C 39 18.26 5.44 21.66
C PRO C 39 18.16 6.78 22.37
N ASP C 40 18.20 7.90 21.64
CA ASP C 40 18.25 9.23 22.26
C ASP C 40 16.90 9.91 22.29
N TYR C 41 15.85 9.29 21.75
CA TYR C 41 14.57 9.98 21.65
C TYR C 41 14.12 10.52 23.01
N HIS C 42 14.12 9.67 24.04
CA HIS C 42 13.56 10.09 25.32
C HIS C 42 14.56 10.89 26.17
N LYS C 43 15.81 10.96 25.75
CA LYS C 43 16.75 11.91 26.37
C LYS C 43 16.49 13.32 25.87
N ILE C 44 15.95 13.46 24.67
CA ILE C 44 15.73 14.76 24.04
C ILE C 44 14.28 15.24 24.21
N ILE C 45 13.32 14.34 24.02
CA ILE C 45 11.90 14.66 24.08
C ILE C 45 11.41 14.28 25.48
N LYS C 46 11.07 15.27 26.29
CA LYS C 46 10.62 15.00 27.65
C LYS C 46 9.14 14.67 27.76
N GLN C 47 8.31 15.09 26.80
N GLN C 47 8.30 15.13 26.83
CA GLN C 47 6.85 14.94 26.86
CA GLN C 47 6.84 14.90 26.89
C GLN C 47 6.33 14.36 25.56
C GLN C 47 6.35 14.35 25.56
N PRO C 48 6.51 13.05 25.34
CA PRO C 48 5.96 12.44 24.13
C PRO C 48 4.46 12.66 24.02
N MET C 49 3.99 12.81 22.78
CA MET C 49 2.57 12.97 22.51
C MET C 49 2.28 12.48 21.10
N ASP C 50 1.04 12.03 20.87
CA ASP C 50 0.67 11.49 19.56
C ASP C 50 -0.83 11.60 19.38
N MET C 51 -1.27 11.45 18.13
CA MET C 51 -2.68 11.67 17.86
C MET C 51 -3.56 10.54 18.39
N GLY C 52 -3.01 9.33 18.51
CA GLY C 52 -3.76 8.26 19.13
C GLY C 52 -4.15 8.58 20.57
N THR C 53 -3.20 9.14 21.33
CA THR C 53 -3.47 9.55 22.70
C THR C 53 -4.49 10.68 22.75
N ILE C 54 -4.32 11.68 21.88
CA ILE C 54 -5.26 12.79 21.83
C ILE C 54 -6.65 12.30 21.48
N LYS C 55 -6.73 11.44 20.47
CA LYS C 55 -8.03 10.94 20.03
C LYS C 55 -8.71 10.16 21.16
N ARG C 56 -7.94 9.30 21.84
CA ARG C 56 -8.53 8.57 22.97
C ARG C 56 -9.00 9.52 24.06
N ARG C 57 -8.25 10.59 24.30
CA ARG C 57 -8.65 11.54 25.33
C ARG C 57 -9.93 12.27 24.95
N LEU C 58 -10.10 12.59 23.67
CA LEU C 58 -11.33 13.26 23.27
C LEU C 58 -12.51 12.31 23.44
N GLU C 59 -12.32 11.05 23.10
CA GLU C 59 -13.41 10.07 23.19
C GLU C 59 -13.83 9.84 24.65
N ASN C 60 -12.90 9.93 25.59
CA ASN C 60 -13.17 9.64 27.00
C ASN C 60 -13.44 10.88 27.84
N ASN C 61 -13.62 12.04 27.21
CA ASN C 61 -13.95 13.26 27.96
C ASN C 61 -12.83 13.67 28.89
N TYR C 62 -11.59 13.34 28.52
CA TYR C 62 -10.45 13.59 29.39
C TYR C 62 -10.21 15.09 29.61
N TYR C 63 -10.22 15.87 28.53
CA TYR C 63 -9.78 17.25 28.61
C TYR C 63 -10.76 18.10 29.41
N TRP C 64 -10.22 19.01 30.21
CA TRP C 64 -11.05 19.99 30.91
C TRP C 64 -11.33 21.24 30.09
N ALA C 65 -10.49 21.55 29.10
CA ALA C 65 -10.71 22.72 28.27
C ALA C 65 -10.06 22.49 26.92
N ALA C 66 -10.58 23.17 25.90
CA ALA C 66 -10.03 23.03 24.55
C ALA C 66 -8.53 23.30 24.53
N SER C 67 -8.06 24.23 25.36
CA SER C 67 -6.66 24.63 25.30
C SER C 67 -5.73 23.47 25.62
N GLU C 68 -6.16 22.56 26.51
CA GLU C 68 -5.34 21.39 26.81
C GLU C 68 -5.17 20.51 25.59
N CYS C 69 -6.25 20.31 24.84
CA CYS C 69 -6.19 19.51 23.62
C CYS C 69 -5.29 20.17 22.58
N MET C 70 -5.44 21.48 22.39
CA MET C 70 -4.58 22.20 21.47
C MET C 70 -3.11 22.11 21.87
N GLN C 71 -2.84 22.22 23.17
CA GLN C 71 -1.44 22.12 23.61
C GLN C 71 -0.88 20.73 23.33
N ASP C 72 -1.70 19.69 23.44
CA ASP C 72 -1.21 18.35 23.13
C ASP C 72 -0.86 18.23 21.65
N PHE C 73 -1.71 18.76 20.77
CA PHE C 73 -1.34 18.82 19.36
C PHE C 73 -0.03 19.54 19.19
N ASN C 74 0.11 20.70 19.85
CA ASN C 74 1.31 21.51 19.66
C ASN C 74 2.54 20.76 20.11
N THR C 75 2.46 20.08 21.27
CA THR C 75 3.59 19.31 21.78
C THR C 75 4.02 18.23 20.79
N MET C 76 3.04 17.51 20.24
CA MET C 76 3.32 16.51 19.22
C MET C 76 4.13 17.07 18.06
N PHE C 77 3.65 18.17 17.47
CA PHE C 77 4.36 18.76 16.36
C PHE C 77 5.75 19.26 16.80
N THR C 78 5.82 19.96 17.92
CA THR C 78 7.09 20.51 18.39
C THR C 78 8.12 19.41 18.62
N ASN C 79 7.72 18.29 19.25
CA ASN C 79 8.66 17.19 19.45
C ASN C 79 9.29 16.78 18.13
N CYS C 80 8.48 16.69 17.08
CA CYS C 80 8.99 16.29 15.77
C CYS C 80 10.02 17.29 15.26
N TYR C 81 9.71 18.58 15.36
CA TYR C 81 10.64 19.60 14.87
C TYR C 81 11.95 19.60 15.64
N ILE C 82 11.86 19.39 16.95
CA ILE C 82 13.06 19.46 17.78
C ILE C 82 13.92 18.23 17.55
N TYR C 83 13.29 17.06 17.40
CA TYR C 83 14.07 15.82 17.36
C TYR C 83 14.66 15.55 15.99
N ASN C 84 13.87 15.73 14.94
CA ASN C 84 14.28 15.27 13.64
C ASN C 84 15.23 16.27 12.97
N LYS C 85 15.95 15.79 11.96
CA LYS C 85 16.80 16.68 11.18
C LYS C 85 15.92 17.56 10.29
N PRO C 86 16.35 18.78 9.99
CA PRO C 86 15.49 19.69 9.22
C PRO C 86 15.06 19.13 7.88
N THR C 87 15.84 18.22 7.29
CA THR C 87 15.56 17.72 5.96
C THR C 87 14.70 16.45 5.95
N ASP C 88 14.41 15.86 7.11
CA ASP C 88 13.55 14.68 7.13
C ASP C 88 12.18 15.00 6.56
N ASP C 89 11.67 14.08 5.74
CA ASP C 89 10.32 14.23 5.21
C ASP C 89 9.31 14.41 6.33
N ILE C 90 9.52 13.73 7.47
CA ILE C 90 8.54 13.81 8.54
C ILE C 90 8.34 15.26 8.99
N VAL C 91 9.39 16.08 8.91
CA VAL C 91 9.24 17.48 9.29
C VAL C 91 8.26 18.17 8.35
N LEU C 92 8.39 17.94 7.05
CA LEU C 92 7.42 18.50 6.12
C LEU C 92 6.02 17.98 6.40
N MET C 93 5.92 16.69 6.76
CA MET C 93 4.61 16.14 7.06
C MET C 93 3.99 16.85 8.27
N ALA C 94 4.79 17.10 9.31
CA ALA C 94 4.25 17.78 10.49
C ALA C 94 3.82 19.19 10.14
N GLN C 95 4.61 19.88 9.32
CA GLN C 95 4.27 21.25 8.93
C GLN C 95 2.94 21.29 8.21
N THR C 96 2.74 20.37 7.27
CA THR C 96 1.47 20.28 6.56
C THR C 96 0.31 20.07 7.52
N LEU C 97 0.46 19.10 8.44
CA LEU C 97 -0.63 18.82 9.37
C LEU C 97 -0.88 19.98 10.32
N GLU C 98 0.19 20.62 10.80
CA GLU C 98 -0.01 21.70 11.76
C GLU C 98 -0.68 22.90 11.13
N LYS C 99 -0.40 23.17 9.86
CA LYS C 99 -1.09 24.26 9.20
C LYS C 99 -2.60 24.01 9.12
N ILE C 100 -2.99 22.77 8.82
CA ILE C 100 -4.41 22.43 8.82
C ILE C 100 -4.99 22.55 10.21
N PHE C 101 -4.25 22.07 11.21
CA PHE C 101 -4.65 22.23 12.60
C PHE C 101 -4.97 23.69 12.92
N LEU C 102 -4.04 24.60 12.61
CA LEU C 102 -4.25 26.01 12.93
C LEU C 102 -5.39 26.62 12.11
N GLN C 103 -5.48 26.26 10.84
CA GLN C 103 -6.59 26.75 10.03
C GLN C 103 -7.94 26.36 10.65
N LYS C 104 -8.07 25.09 11.05
CA LYS C 104 -9.32 24.65 11.64
C LYS C 104 -9.56 25.30 13.00
N VAL C 105 -8.49 25.49 13.78
CA VAL C 105 -8.63 26.08 15.12
C VAL C 105 -9.16 27.51 15.04
N ALA C 106 -8.81 28.24 13.96
CA ALA C 106 -9.28 29.62 13.82
C ALA C 106 -10.80 29.69 13.70
N SER C 107 -11.44 28.62 13.23
CA SER C 107 -12.88 28.62 13.07
C SER C 107 -13.60 27.83 14.15
N MET C 108 -12.94 27.61 15.28
CA MET C 108 -13.52 26.87 16.38
C MET C 108 -14.41 27.78 17.22
N PRO C 109 -15.57 27.27 17.69
CA PRO C 109 -16.46 28.06 18.54
C PRO C 109 -15.77 28.57 19.80
#